data_1SAZ
#
_entry.id   1SAZ
#
_cell.length_a   197.685
_cell.length_b   197.685
_cell.length_c   58.238
_cell.angle_alpha   90.00
_cell.angle_beta   90.00
_cell.angle_gamma   90.00
#
_symmetry.space_group_name_H-M   'I 4 2 2'
#
loop_
_entity.id
_entity.type
_entity.pdbx_description
1 polymer 'Probable butyrate kinase 2'
2 non-polymer 'SODIUM ION'
3 non-polymer 'PHOSPHOMETHYLPHOSPHONIC ACID ADENYLATE ESTER'
4 non-polymer 'FORMIC ACID'
5 water water
#
_entity_poly.entity_id   1
_entity_poly.type   'polypeptide(L)'
_entity_poly.pdbx_seq_one_letter_code
;(MSE)FRILTINPGSTSTKLSIFEDER(MSE)VK(MSE)QNFSHSPDELGRFQKILDQLEFREKIARQFVEETGYSLSSF
SAFVSRGGLLDPIPGGVYLVDGL(MSE)IKTLKSGKNGEHASNLGAIIAHRFSSETGVPAYVVDPVVVDE(MSE)EDVAR
VSGHPNYQRKSIFHALNQKTVAKEVAR(MSE)(MSE)NKRYEE(MSE)NLVVAH(MSE)GGGISIAAHRKGRVIDVNNAL
DGDGPFTPERSGTLPLTQLVDLCFSGKFTYEE(MSE)KKRIVGNGGLVAYLGTSDAREVVRRIKQGDEWAKRVYRA
(MSE)AYQIAKWIGK(MSE)AAVLKGEVDFIVLTGGLAHEKEFLVPWITKRVSFIAPVLVFPGSNEEKALALSALRVLRG
EEKPKNYSEESRRWRERYDSYLDGILRHHHHHH
;
_entity_poly.pdbx_strand_id   A
#
# COMPACT_ATOMS: atom_id res chain seq x y z
N PHE A 2 10.60 -24.05 8.06
CA PHE A 2 9.18 -23.83 7.78
C PHE A 2 8.99 -23.52 6.30
N ARG A 3 8.00 -24.14 5.69
CA ARG A 3 7.68 -23.92 4.28
C ARG A 3 6.48 -23.01 4.26
N ILE A 4 6.62 -21.88 3.59
CA ILE A 4 5.56 -20.89 3.52
C ILE A 4 5.13 -20.56 2.09
N LEU A 5 3.83 -20.27 1.93
CA LEU A 5 3.25 -19.91 0.66
C LEU A 5 2.74 -18.47 0.78
N THR A 6 3.14 -17.61 -0.15
CA THR A 6 2.71 -16.22 -0.13
C THR A 6 1.69 -15.97 -1.24
N ILE A 7 0.59 -15.31 -0.92
CA ILE A 7 -0.46 -15.04 -1.89
C ILE A 7 -0.59 -13.54 -2.09
N ASN A 8 -0.44 -13.08 -3.31
CA ASN A 8 -0.48 -11.66 -3.63
C ASN A 8 -1.29 -11.33 -4.89
N PRO A 9 -2.62 -11.20 -4.74
CA PRO A 9 -3.53 -10.88 -5.84
C PRO A 9 -3.62 -9.39 -6.14
N GLY A 10 -3.29 -9.02 -7.37
CA GLY A 10 -3.35 -7.62 -7.77
C GLY A 10 -4.45 -7.37 -8.77
N SER A 11 -4.67 -6.09 -9.08
CA SER A 11 -5.70 -5.68 -10.04
C SER A 11 -5.61 -6.47 -11.33
N THR A 12 -4.42 -6.52 -11.92
CA THR A 12 -4.22 -7.23 -13.18
C THR A 12 -3.30 -8.44 -13.14
N SER A 13 -2.79 -8.77 -11.95
CA SER A 13 -1.90 -9.94 -11.84
C SER A 13 -2.06 -10.70 -10.53
N THR A 14 -1.39 -11.84 -10.44
CA THR A 14 -1.41 -12.69 -9.25
C THR A 14 0.00 -13.21 -9.01
N LYS A 15 0.60 -12.86 -7.87
CA LYS A 15 1.93 -13.33 -7.57
C LYS A 15 1.94 -14.32 -6.41
N LEU A 16 2.63 -15.43 -6.61
CA LEU A 16 2.73 -16.45 -5.58
C LEU A 16 4.17 -16.88 -5.44
N SER A 17 4.55 -17.29 -4.23
CA SER A 17 5.91 -17.75 -4.02
C SER A 17 5.96 -18.71 -2.84
N ILE A 18 7.01 -19.51 -2.82
CA ILE A 18 7.19 -20.48 -1.76
C ILE A 18 8.53 -20.27 -1.07
N PHE A 19 8.49 -20.12 0.24
CA PHE A 19 9.70 -19.93 1.00
C PHE A 19 9.95 -21.07 1.97
N GLU A 20 11.18 -21.52 2.02
CA GLU A 20 11.60 -22.52 2.97
C GLU A 20 12.54 -21.74 3.86
N ASP A 21 11.97 -21.25 4.96
CA ASP A 21 12.67 -20.41 5.92
C ASP A 21 12.84 -19.07 5.22
N GLU A 22 14.07 -18.60 5.11
CA GLU A 22 14.31 -17.32 4.46
C GLU A 22 14.73 -17.47 3.00
N ARG A 23 14.70 -18.69 2.51
CA ARG A 23 15.08 -18.96 1.12
C ARG A 23 13.84 -19.10 0.23
N VAL A 25 12.01 -20.55 -2.90
CA VAL A 25 12.24 -21.71 -3.75
C VAL A 25 11.40 -21.70 -5.03
N LYS A 26 10.36 -20.85 -5.06
CA LYS A 26 9.52 -20.77 -6.24
C LYS A 26 8.69 -19.50 -6.22
N GLN A 28 6.15 -17.00 -9.14
CA GLN A 28 5.64 -16.83 -10.49
C GLN A 28 4.53 -15.80 -10.52
N ASN A 29 4.62 -14.88 -11.47
CA ASN A 29 3.62 -13.84 -11.64
C ASN A 29 2.65 -14.29 -12.71
N PHE A 30 1.36 -14.33 -12.39
CA PHE A 30 0.35 -14.75 -13.36
C PHE A 30 -0.46 -13.54 -13.79
N SER A 31 -0.02 -12.91 -14.87
CA SER A 31 -0.72 -11.74 -15.40
C SER A 31 -2.05 -12.16 -15.99
N HIS A 32 -3.04 -11.27 -15.90
CA HIS A 32 -4.36 -11.55 -16.43
C HIS A 32 -4.74 -10.45 -17.42
N SER A 33 -4.98 -10.84 -18.67
CA SER A 33 -5.34 -9.90 -19.73
C SER A 33 -6.76 -9.35 -19.56
N PRO A 34 -6.99 -8.10 -20.00
CA PRO A 34 -8.31 -7.46 -19.90
C PRO A 34 -9.42 -8.36 -20.40
N ASP A 35 -9.14 -9.14 -21.44
CA ASP A 35 -10.10 -10.07 -22.01
C ASP A 35 -10.46 -11.12 -20.96
N GLU A 36 -9.45 -11.91 -20.61
CA GLU A 36 -9.56 -12.97 -19.61
C GLU A 36 -10.15 -12.47 -18.30
N LEU A 37 -9.93 -11.19 -18.01
CA LEU A 37 -10.41 -10.57 -16.78
C LEU A 37 -11.83 -10.05 -16.87
N GLY A 38 -12.16 -9.42 -17.99
CA GLY A 38 -13.51 -8.86 -18.17
C GLY A 38 -14.58 -9.93 -18.24
N ARG A 39 -14.17 -11.19 -18.13
CA ARG A 39 -15.10 -12.33 -18.19
C ARG A 39 -15.90 -12.45 -16.89
N PHE A 40 -15.62 -11.59 -15.92
CA PHE A 40 -16.32 -11.61 -14.64
C PHE A 40 -17.03 -10.28 -14.34
N GLN A 41 -18.29 -10.38 -13.92
CA GLN A 41 -19.10 -9.20 -13.60
C GLN A 41 -18.54 -8.43 -12.40
N LYS A 42 -18.58 -9.06 -11.23
CA LYS A 42 -18.08 -8.46 -9.99
C LYS A 42 -16.69 -9.04 -9.71
N ILE A 43 -15.88 -8.33 -8.93
CA ILE A 43 -14.54 -8.81 -8.61
C ILE A 43 -14.56 -10.14 -7.85
N LEU A 44 -15.56 -10.33 -7.03
CA LEU A 44 -15.68 -11.57 -6.27
C LEU A 44 -15.77 -12.80 -7.17
N ASP A 45 -16.31 -12.64 -8.38
CA ASP A 45 -16.45 -13.75 -9.33
C ASP A 45 -15.14 -14.37 -9.79
N GLN A 46 -14.04 -13.66 -9.56
CA GLN A 46 -12.74 -14.17 -9.96
C GLN A 46 -12.21 -15.14 -8.92
N LEU A 47 -12.89 -15.20 -7.78
CA LEU A 47 -12.48 -16.06 -6.69
C LEU A 47 -12.03 -17.45 -7.08
N GLU A 48 -12.88 -18.20 -7.77
CA GLU A 48 -12.52 -19.56 -8.14
C GLU A 48 -11.45 -19.60 -9.22
N PHE A 49 -11.44 -18.59 -10.07
CA PHE A 49 -10.44 -18.52 -11.13
C PHE A 49 -9.03 -18.37 -10.56
N ARG A 50 -8.86 -17.48 -9.60
CA ARG A 50 -7.55 -17.26 -8.99
C ARG A 50 -7.12 -18.38 -8.05
N GLU A 51 -8.08 -18.98 -7.34
CA GLU A 51 -7.77 -20.07 -6.43
C GLU A 51 -7.18 -21.23 -7.24
N LYS A 52 -7.73 -21.41 -8.43
CA LYS A 52 -7.31 -22.46 -9.33
C LYS A 52 -5.84 -22.28 -9.72
N ILE A 53 -5.43 -21.04 -9.89
CA ILE A 53 -4.04 -20.76 -10.26
C ILE A 53 -3.09 -21.05 -9.09
N ALA A 54 -3.55 -20.79 -7.88
CA ALA A 54 -2.74 -21.03 -6.70
C ALA A 54 -2.59 -22.53 -6.43
N ARG A 55 -3.70 -23.27 -6.52
CA ARG A 55 -3.69 -24.71 -6.29
C ARG A 55 -2.78 -25.36 -7.31
N GLN A 56 -2.81 -24.79 -8.52
CA GLN A 56 -2.01 -25.25 -9.64
C GLN A 56 -0.53 -24.96 -9.41
N PHE A 57 -0.25 -23.78 -8.88
CA PHE A 57 1.12 -23.35 -8.58
C PHE A 57 1.81 -24.31 -7.61
N VAL A 58 1.10 -24.72 -6.57
CA VAL A 58 1.65 -25.65 -5.59
C VAL A 58 1.63 -27.03 -6.19
N GLU A 59 0.52 -27.35 -6.85
CA GLU A 59 0.31 -28.63 -7.50
C GLU A 59 1.55 -29.12 -8.21
N GLU A 60 2.00 -28.34 -9.19
CA GLU A 60 3.16 -28.69 -9.99
C GLU A 60 4.46 -28.48 -9.23
N THR A 61 4.44 -28.78 -7.93
CA THR A 61 5.61 -28.63 -7.09
C THR A 61 5.93 -29.98 -6.47
N GLY A 62 4.92 -30.84 -6.44
CA GLY A 62 5.09 -32.16 -5.85
C GLY A 62 4.68 -32.11 -4.39
N TYR A 63 4.62 -30.90 -3.85
CA TYR A 63 4.23 -30.68 -2.45
C TYR A 63 2.70 -30.61 -2.32
N SER A 64 2.21 -30.91 -1.12
CA SER A 64 0.78 -30.85 -0.86
C SER A 64 0.57 -29.71 0.12
N LEU A 65 -0.60 -29.08 0.03
CA LEU A 65 -0.91 -27.95 0.90
C LEU A 65 -0.74 -28.23 2.39
N SER A 66 -0.70 -29.50 2.78
CA SER A 66 -0.56 -29.83 4.20
C SER A 66 0.88 -29.90 4.66
N SER A 67 1.81 -29.77 3.73
CA SER A 67 3.23 -29.81 4.06
C SER A 67 3.73 -28.40 4.39
N PHE A 68 2.85 -27.42 4.23
CA PHE A 68 3.22 -26.04 4.52
C PHE A 68 3.04 -25.77 6.01
N SER A 69 3.68 -24.71 6.48
CA SER A 69 3.58 -24.34 7.88
C SER A 69 2.66 -23.14 7.99
N ALA A 70 2.52 -22.40 6.88
CA ALA A 70 1.67 -21.22 6.87
C ALA A 70 1.33 -20.73 5.47
N PHE A 71 0.23 -20.01 5.35
CA PHE A 71 -0.19 -19.43 4.09
C PHE A 71 -0.27 -17.94 4.44
N VAL A 72 0.39 -17.10 3.65
CA VAL A 72 0.40 -15.66 3.91
C VAL A 72 -0.12 -14.83 2.76
N SER A 73 -1.03 -13.93 3.04
CA SER A 73 -1.58 -13.11 1.97
C SER A 73 -1.48 -11.63 2.24
N ARG A 74 -1.53 -10.87 1.15
CA ARG A 74 -1.51 -9.41 1.20
C ARG A 74 -2.86 -9.07 1.81
N GLY A 75 -2.90 -8.04 2.63
CA GLY A 75 -4.16 -7.66 3.24
C GLY A 75 -5.12 -7.21 2.17
N GLY A 76 -6.26 -6.67 2.59
CA GLY A 76 -7.26 -6.19 1.66
C GLY A 76 -8.02 -5.04 2.31
N LEU A 77 -9.20 -4.73 1.78
CA LEU A 77 -10.00 -3.64 2.34
C LEU A 77 -10.76 -4.05 3.60
N LEU A 78 -10.01 -4.30 4.66
CA LEU A 78 -10.59 -4.67 5.95
C LEU A 78 -10.93 -3.38 6.68
N ASP A 79 -11.58 -3.51 7.83
CA ASP A 79 -11.90 -2.32 8.61
C ASP A 79 -10.55 -1.85 9.17
N PRO A 80 -10.44 -0.56 9.51
CA PRO A 80 -9.18 -0.03 10.05
C PRO A 80 -8.59 -0.84 11.20
N ILE A 81 -7.28 -1.06 11.16
CA ILE A 81 -6.58 -1.83 12.19
C ILE A 81 -5.11 -1.43 12.33
N PRO A 82 -4.50 -1.72 13.48
CA PRO A 82 -3.09 -1.37 13.69
C PRO A 82 -2.24 -2.30 12.81
N GLY A 83 -0.97 -1.96 12.64
CA GLY A 83 -0.11 -2.81 11.82
C GLY A 83 0.15 -4.14 12.48
N GLY A 84 0.73 -5.08 11.73
CA GLY A 84 1.03 -6.38 12.31
C GLY A 84 0.62 -7.54 11.43
N VAL A 85 0.76 -8.75 11.97
CA VAL A 85 0.41 -9.96 11.25
C VAL A 85 -0.85 -10.54 11.88
N TYR A 86 -1.91 -10.62 11.10
CA TYR A 86 -3.17 -11.13 11.61
C TYR A 86 -3.51 -12.54 11.17
N LEU A 87 -4.21 -13.24 12.04
CA LEU A 87 -4.68 -14.59 11.76
C LEU A 87 -5.98 -14.36 11.01
N VAL A 88 -6.19 -15.10 9.93
CA VAL A 88 -7.41 -14.95 9.17
C VAL A 88 -8.53 -15.67 9.92
N ASP A 89 -9.63 -14.97 10.18
CA ASP A 89 -10.75 -15.58 10.88
C ASP A 89 -12.08 -15.38 10.14
N GLY A 90 -13.17 -15.78 10.79
CA GLY A 90 -14.49 -15.68 10.19
C GLY A 90 -14.96 -14.26 9.91
N LEU A 91 -14.68 -13.34 10.82
CA LEU A 91 -15.08 -11.96 10.63
C LEU A 91 -14.39 -11.33 9.43
N ILE A 93 -13.22 -12.89 6.73
CA ILE A 93 -13.82 -13.47 5.53
C ILE A 93 -15.15 -12.83 5.20
N LYS A 94 -16.03 -12.74 6.18
CA LYS A 94 -17.35 -12.14 5.98
C LYS A 94 -17.22 -10.75 5.41
N THR A 95 -16.31 -9.96 5.99
CA THR A 95 -16.09 -8.60 5.55
C THR A 95 -15.57 -8.56 4.11
N LEU A 96 -14.60 -9.41 3.80
CA LEU A 96 -14.03 -9.43 2.47
C LEU A 96 -15.06 -9.84 1.42
N LYS A 97 -15.76 -10.94 1.67
CA LYS A 97 -16.76 -11.40 0.72
C LYS A 97 -17.89 -10.39 0.50
N SER A 98 -18.26 -9.65 1.54
CA SER A 98 -19.34 -8.67 1.42
C SER A 98 -18.87 -7.32 0.86
N GLY A 99 -17.57 -7.16 0.68
CA GLY A 99 -17.03 -5.92 0.17
C GLY A 99 -17.65 -4.68 0.80
N LYS A 100 -17.99 -4.78 2.07
CA LYS A 100 -18.59 -3.66 2.78
C LYS A 100 -17.69 -2.42 2.77
N ASN A 101 -16.39 -2.64 2.64
CA ASN A 101 -15.44 -1.53 2.60
C ASN A 101 -14.90 -1.33 1.19
N GLY A 102 -15.57 -1.91 0.21
CA GLY A 102 -15.14 -1.79 -1.17
C GLY A 102 -14.61 -3.08 -1.73
N GLU A 103 -14.65 -3.21 -3.05
CA GLU A 103 -14.17 -4.40 -3.71
C GLU A 103 -12.80 -4.14 -4.30
N HIS A 104 -11.90 -5.11 -4.14
CA HIS A 104 -10.55 -4.98 -4.63
C HIS A 104 -10.01 -6.40 -4.80
N ALA A 105 -9.22 -6.61 -5.85
CA ALA A 105 -8.67 -7.93 -6.11
C ALA A 105 -7.89 -8.49 -4.91
N SER A 106 -7.29 -7.60 -4.14
CA SER A 106 -6.50 -8.01 -2.97
C SER A 106 -7.32 -8.70 -1.89
N ASN A 107 -8.64 -8.55 -1.95
CA ASN A 107 -9.51 -9.18 -0.95
C ASN A 107 -9.55 -10.69 -1.15
N LEU A 108 -9.34 -11.13 -2.39
CA LEU A 108 -9.38 -12.54 -2.70
C LEU A 108 -8.26 -13.33 -2.06
N GLY A 109 -7.13 -12.67 -1.83
CA GLY A 109 -5.99 -13.34 -1.24
C GLY A 109 -6.25 -14.01 0.10
N ALA A 110 -6.83 -13.28 1.05
CA ALA A 110 -7.11 -13.82 2.37
C ALA A 110 -8.10 -14.97 2.29
N ILE A 111 -9.12 -14.79 1.45
CA ILE A 111 -10.14 -15.81 1.27
C ILE A 111 -9.51 -17.10 0.76
N ILE A 112 -8.62 -16.97 -0.21
CA ILE A 112 -7.94 -18.12 -0.78
C ILE A 112 -7.08 -18.84 0.24
N ALA A 113 -6.39 -18.08 1.08
CA ALA A 113 -5.53 -18.69 2.09
C ALA A 113 -6.37 -19.40 3.13
N HIS A 114 -7.51 -18.82 3.46
CA HIS A 114 -8.42 -19.41 4.44
C HIS A 114 -8.90 -20.79 4.04
N ARG A 115 -9.22 -20.96 2.76
CA ARG A 115 -9.68 -22.26 2.29
C ARG A 115 -8.54 -23.24 2.39
N PHE A 116 -7.37 -22.84 1.92
CA PHE A 116 -6.20 -23.71 2.00
C PHE A 116 -6.05 -24.10 3.45
N SER A 117 -6.48 -23.21 4.34
CA SER A 117 -6.37 -23.45 5.77
C SER A 117 -7.41 -24.45 6.29
N SER A 118 -8.65 -24.32 5.81
CA SER A 118 -9.70 -25.22 6.24
C SER A 118 -9.49 -26.66 5.76
N GLU A 119 -8.71 -26.83 4.70
CA GLU A 119 -8.45 -28.17 4.15
C GLU A 119 -7.25 -28.86 4.78
N THR A 120 -6.34 -28.06 5.36
CA THR A 120 -5.12 -28.62 5.91
C THR A 120 -4.85 -28.41 7.40
N GLY A 121 -5.51 -27.42 8.00
CA GLY A 121 -5.28 -27.14 9.40
C GLY A 121 -4.15 -26.14 9.60
N VAL A 122 -3.41 -25.87 8.53
CA VAL A 122 -2.30 -24.94 8.57
C VAL A 122 -2.84 -23.51 8.73
N PRO A 123 -2.14 -22.68 9.51
CA PRO A 123 -2.50 -21.28 9.78
C PRO A 123 -2.39 -20.35 8.58
N ALA A 124 -3.35 -19.45 8.45
CA ALA A 124 -3.37 -18.48 7.37
C ALA A 124 -3.26 -17.07 7.97
N TYR A 125 -2.39 -16.24 7.41
CA TYR A 125 -2.21 -14.89 7.90
C TYR A 125 -2.24 -13.82 6.81
N VAL A 126 -2.56 -12.59 7.21
CA VAL A 126 -2.53 -11.45 6.32
C VAL A 126 -1.70 -10.43 7.08
N VAL A 127 -0.79 -9.75 6.40
CA VAL A 127 0.06 -8.77 7.09
C VAL A 127 -0.01 -7.36 6.52
N ASP A 128 -0.01 -6.40 7.44
CA ASP A 128 -0.04 -4.97 7.14
C ASP A 128 -0.96 -4.61 5.97
N PRO A 129 -2.27 -4.74 6.19
CA PRO A 129 -3.20 -4.40 5.12
C PRO A 129 -3.08 -2.93 4.71
N VAL A 130 -3.58 -2.62 3.53
CA VAL A 130 -3.52 -1.27 3.02
C VAL A 130 -4.33 -0.32 3.91
N VAL A 131 -5.12 -0.89 4.82
CA VAL A 131 -5.94 -0.07 5.72
C VAL A 131 -5.34 0.08 7.11
N VAL A 132 -4.05 -0.19 7.23
CA VAL A 132 -3.39 -0.02 8.52
C VAL A 132 -3.59 1.44 8.88
N ASP A 133 -3.95 1.69 10.12
CA ASP A 133 -4.19 3.05 10.59
C ASP A 133 -3.65 3.14 12.02
N GLU A 134 -2.59 3.92 12.19
CA GLU A 134 -1.99 4.11 13.50
C GLU A 134 -1.81 5.61 13.75
N GLU A 136 -2.66 9.63 14.91
CA GLU A 136 -3.15 10.33 16.08
C GLU A 136 -4.44 11.06 15.73
N ASP A 137 -5.32 11.20 16.70
CA ASP A 137 -6.59 11.89 16.50
C ASP A 137 -6.46 13.23 15.81
N VAL A 138 -5.48 14.02 16.24
CA VAL A 138 -5.28 15.35 15.68
C VAL A 138 -5.09 15.31 14.16
N ALA A 139 -4.62 14.19 13.64
CA ALA A 139 -4.41 14.04 12.21
C ALA A 139 -5.70 13.68 11.44
N ARG A 140 -6.75 13.30 12.17
CA ARG A 140 -8.02 12.91 11.55
C ARG A 140 -8.92 14.07 11.14
N VAL A 141 -8.89 15.16 11.92
CA VAL A 141 -9.72 16.32 11.63
C VAL A 141 -9.40 16.85 10.25
N SER A 142 -10.44 17.04 9.43
CA SER A 142 -10.22 17.51 8.06
C SER A 142 -10.59 18.97 7.85
N GLY A 143 -11.45 19.50 8.69
CA GLY A 143 -11.87 20.87 8.53
C GLY A 143 -13.38 20.90 8.47
N HIS A 144 -13.97 19.75 8.18
CA HIS A 144 -15.42 19.63 8.13
C HIS A 144 -15.89 18.30 8.72
N PRO A 145 -16.79 18.38 9.71
CA PRO A 145 -17.41 17.28 10.45
C PRO A 145 -17.72 15.97 9.72
N ASN A 146 -18.28 16.06 8.52
CA ASN A 146 -18.61 14.83 7.79
C ASN A 146 -17.53 14.46 6.78
N TYR A 147 -16.28 14.60 7.21
CA TYR A 147 -15.12 14.28 6.40
C TYR A 147 -13.99 13.94 7.35
N GLN A 148 -13.28 12.87 7.07
CA GLN A 148 -12.16 12.44 7.91
C GLN A 148 -10.95 12.10 7.05
N ARG A 149 -9.77 12.35 7.57
CA ARG A 149 -8.56 11.96 6.87
C ARG A 149 -8.39 10.51 7.28
N LYS A 150 -8.18 9.63 6.31
CA LYS A 150 -8.04 8.22 6.60
C LYS A 150 -6.65 7.76 6.21
N SER A 151 -6.15 6.73 6.87
CA SER A 151 -4.84 6.20 6.56
C SER A 151 -4.98 4.99 5.65
N ILE A 152 -4.72 5.18 4.36
CA ILE A 152 -4.82 4.09 3.40
C ILE A 152 -3.64 4.23 2.45
N PHE A 153 -2.64 3.37 2.65
CA PHE A 153 -1.43 3.45 1.85
C PHE A 153 -0.76 2.09 1.78
N HIS A 154 0.41 2.05 1.15
CA HIS A 154 1.18 0.82 1.05
C HIS A 154 1.92 0.57 2.35
N ALA A 155 1.16 0.30 3.41
CA ALA A 155 1.71 0.05 4.74
C ALA A 155 2.78 -1.04 4.80
N LEU A 156 2.63 -2.07 3.98
CA LEU A 156 3.59 -3.16 4.01
C LEU A 156 4.98 -2.69 3.60
N ASN A 157 5.06 -1.94 2.52
CA ASN A 157 6.34 -1.44 2.06
C ASN A 157 6.89 -0.44 3.08
N GLN A 158 6.02 0.44 3.56
CA GLN A 158 6.40 1.45 4.54
C GLN A 158 7.05 0.77 5.72
N LYS A 159 6.27 -0.03 6.45
CA LYS A 159 6.77 -0.73 7.62
C LYS A 159 8.04 -1.51 7.33
N THR A 160 8.05 -2.23 6.21
CA THR A 160 9.21 -3.04 5.84
C THR A 160 10.53 -2.28 5.68
N VAL A 161 10.52 -1.18 4.92
CA VAL A 161 11.75 -0.41 4.72
C VAL A 161 12.16 0.28 6.00
N ALA A 162 11.17 0.75 6.76
CA ALA A 162 11.48 1.41 8.01
C ALA A 162 12.28 0.46 8.91
N LYS A 163 11.84 -0.80 9.00
CA LYS A 163 12.53 -1.79 9.82
C LYS A 163 13.88 -2.14 9.22
N GLU A 164 13.99 -2.06 7.91
CA GLU A 164 15.25 -2.36 7.24
C GLU A 164 16.29 -1.27 7.55
N VAL A 165 15.85 -0.03 7.62
CA VAL A 165 16.74 1.09 7.91
C VAL A 165 17.29 0.89 9.31
N ALA A 166 16.39 0.61 10.24
CA ALA A 166 16.77 0.37 11.63
C ALA A 166 17.77 -0.77 11.70
N ARG A 167 17.35 -1.95 11.25
CA ARG A 167 18.21 -3.13 11.28
C ARG A 167 19.57 -2.85 10.67
N ASN A 170 21.53 -1.51 13.33
CA ASN A 170 21.28 -2.27 14.55
C ASN A 170 20.68 -1.39 15.63
N LYS A 171 19.49 -0.88 15.34
CA LYS A 171 18.73 -0.05 16.25
C LYS A 171 17.33 -0.63 16.15
N ARG A 172 16.40 -0.14 16.96
CA ARG A 172 15.05 -0.67 16.88
C ARG A 172 14.10 0.30 16.19
N TYR A 173 13.29 -0.23 15.29
CA TYR A 173 12.31 0.57 14.57
C TYR A 173 11.50 1.40 15.58
N GLU A 174 11.27 0.81 16.74
CA GLU A 174 10.50 1.45 17.80
C GLU A 174 11.18 2.65 18.46
N GLU A 175 12.48 2.83 18.27
CA GLU A 175 13.16 3.95 18.90
C GLU A 175 13.62 5.06 17.97
N ASN A 177 12.69 7.97 14.54
CA ASN A 177 11.71 8.87 13.95
C ASN A 177 12.12 8.96 12.50
N LEU A 178 11.17 8.73 11.60
CA LEU A 178 11.50 8.77 10.19
C LEU A 178 10.38 9.36 9.36
N VAL A 179 10.76 9.79 8.16
CA VAL A 179 9.87 10.29 7.16
C VAL A 179 10.16 9.35 6.00
N VAL A 180 9.20 8.48 5.72
CA VAL A 180 9.41 7.52 4.66
C VAL A 180 8.55 7.88 3.45
N ALA A 181 9.20 8.01 2.30
CA ALA A 181 8.49 8.36 1.08
C ALA A 181 8.47 7.21 0.09
N HIS A 182 7.29 6.61 -0.06
CA HIS A 182 7.10 5.51 -0.99
C HIS A 182 6.63 6.16 -2.29
N GLY A 184 5.83 5.30 -5.95
CA GLY A 184 5.58 4.39 -7.05
C GLY A 184 4.48 4.97 -7.92
N GLY A 185 3.53 4.14 -8.33
CA GLY A 185 2.41 4.63 -9.13
C GLY A 185 1.50 5.34 -8.15
N GLY A 186 1.73 5.06 -6.88
CA GLY A 186 0.99 5.67 -5.79
C GLY A 186 2.08 6.28 -4.94
N ILE A 187 1.82 7.40 -4.29
CA ILE A 187 2.84 8.05 -3.47
C ILE A 187 2.35 8.37 -2.08
N SER A 188 2.91 7.67 -1.10
CA SER A 188 2.53 7.92 0.28
C SER A 188 3.76 8.42 1.00
N ILE A 189 3.57 9.43 1.84
CA ILE A 189 4.65 10.02 2.59
C ILE A 189 4.16 9.95 4.02
N ALA A 190 4.84 9.14 4.84
CA ALA A 190 4.42 8.94 6.21
C ALA A 190 5.39 9.33 7.29
N ALA A 191 4.83 9.80 8.40
CA ALA A 191 5.63 10.18 9.56
C ALA A 191 5.65 8.99 10.52
N HIS A 192 6.82 8.41 10.72
CA HIS A 192 6.97 7.29 11.62
C HIS A 192 7.52 7.82 12.95
N ARG A 193 6.70 7.78 13.99
CA ARG A 193 7.14 8.26 15.28
C ARG A 193 7.25 7.07 16.22
N LYS A 194 8.49 6.63 16.45
CA LYS A 194 8.75 5.50 17.34
C LYS A 194 7.96 4.26 16.98
N GLY A 195 8.08 3.82 15.73
CA GLY A 195 7.39 2.63 15.28
C GLY A 195 5.90 2.78 15.01
N ARG A 196 5.40 4.00 15.01
CA ARG A 196 3.98 4.21 14.75
C ARG A 196 3.77 5.27 13.68
N VAL A 197 3.07 4.92 12.60
CA VAL A 197 2.81 5.87 11.51
C VAL A 197 1.72 6.83 11.97
N ILE A 198 2.10 7.90 12.67
CA ILE A 198 1.13 8.85 13.20
C ILE A 198 0.41 9.76 12.22
N ASP A 199 0.89 9.82 10.99
CA ASP A 199 0.23 10.64 9.97
C ASP A 199 0.77 10.23 8.62
N VAL A 200 -0.08 10.32 7.60
CA VAL A 200 0.28 9.96 6.24
C VAL A 200 -0.88 10.37 5.35
N ASN A 201 -0.63 10.54 4.06
CA ASN A 201 -1.71 10.93 3.16
C ASN A 201 -2.49 9.71 2.70
N ASN A 202 -3.75 9.92 2.35
CA ASN A 202 -4.62 8.86 1.85
C ASN A 202 -4.23 8.63 0.39
N ALA A 203 -3.13 7.94 0.16
CA ALA A 203 -2.65 7.69 -1.19
C ALA A 203 -3.65 6.96 -2.09
N LEU A 204 -4.18 5.85 -1.60
CA LEU A 204 -5.13 5.07 -2.39
C LEU A 204 -6.36 5.82 -2.90
N ASP A 205 -6.78 6.85 -2.17
CA ASP A 205 -7.95 7.63 -2.60
C ASP A 205 -7.58 8.93 -3.31
N GLY A 206 -6.34 9.04 -3.77
CA GLY A 206 -5.91 10.22 -4.51
C GLY A 206 -5.57 11.51 -3.79
N ASP A 207 -5.31 11.44 -2.49
CA ASP A 207 -4.94 12.64 -1.73
C ASP A 207 -3.42 12.64 -1.58
N GLY A 208 -2.78 13.74 -1.97
CA GLY A 208 -1.33 13.84 -1.87
C GLY A 208 -0.66 14.42 -3.10
N PRO A 209 0.65 14.24 -3.26
CA PRO A 209 1.34 14.78 -4.44
C PRO A 209 0.88 14.02 -5.68
N PHE A 210 0.99 14.60 -6.86
CA PHE A 210 0.56 13.83 -8.03
C PHE A 210 1.62 12.79 -8.36
N THR A 211 1.20 11.71 -8.99
CA THR A 211 2.10 10.61 -9.31
C THR A 211 2.23 10.35 -10.79
N PRO A 212 3.02 9.33 -11.17
CA PRO A 212 3.17 9.03 -12.59
C PRO A 212 1.83 8.72 -13.25
N GLU A 213 0.86 8.26 -12.45
CA GLU A 213 -0.44 7.90 -12.99
C GLU A 213 -1.66 8.53 -12.30
N ARG A 214 -1.47 9.12 -11.13
CA ARG A 214 -2.59 9.74 -10.41
C ARG A 214 -2.43 11.25 -10.35
N SER A 215 -3.54 11.96 -10.24
CA SER A 215 -3.53 13.41 -10.20
C SER A 215 -3.26 13.99 -8.81
N GLY A 216 -3.55 13.19 -7.78
CA GLY A 216 -3.33 13.67 -6.43
C GLY A 216 -4.30 14.78 -6.10
N THR A 217 -4.11 15.43 -4.96
CA THR A 217 -4.99 16.52 -4.55
C THR A 217 -5.22 17.53 -5.68
N LEU A 218 -6.48 17.92 -5.85
CA LEU A 218 -6.84 18.89 -6.89
C LEU A 218 -7.54 20.09 -6.26
N PRO A 219 -7.53 21.23 -6.97
CA PRO A 219 -8.18 22.46 -6.49
C PRO A 219 -9.64 22.21 -6.13
N LEU A 220 -10.05 22.67 -4.97
CA LEU A 220 -11.42 22.46 -4.50
C LEU A 220 -12.48 23.08 -5.39
N THR A 221 -12.51 24.41 -5.45
CA THR A 221 -13.49 25.12 -6.27
C THR A 221 -13.50 24.59 -7.70
N GLN A 222 -12.39 24.71 -8.40
CA GLN A 222 -12.31 24.23 -9.79
C GLN A 222 -12.87 22.82 -9.91
N LEU A 223 -12.81 22.05 -8.83
CA LEU A 223 -13.29 20.68 -8.86
C LEU A 223 -14.82 20.66 -8.74
N VAL A 224 -15.33 21.21 -7.65
CA VAL A 224 -16.77 21.26 -7.43
C VAL A 224 -17.48 21.89 -8.63
N ASP A 225 -16.75 22.69 -9.39
CA ASP A 225 -17.30 23.32 -10.58
C ASP A 225 -17.31 22.29 -11.71
N LEU A 226 -16.13 21.82 -12.09
CA LEU A 226 -16.03 20.82 -13.15
C LEU A 226 -16.74 19.53 -12.72
N CYS A 227 -17.17 19.49 -11.46
CA CYS A 227 -17.86 18.33 -10.91
C CYS A 227 -19.13 18.14 -11.71
N PHE A 228 -20.09 19.05 -11.54
CA PHE A 228 -21.34 18.95 -12.28
C PHE A 228 -21.39 19.99 -13.39
N SER A 229 -20.49 19.84 -14.36
CA SER A 229 -20.38 20.73 -15.50
C SER A 229 -20.84 19.99 -16.75
N GLY A 230 -21.79 19.07 -16.57
CA GLY A 230 -22.29 18.30 -17.70
C GLY A 230 -21.29 17.24 -18.11
N LYS A 231 -20.01 17.56 -17.96
CA LYS A 231 -18.92 16.63 -18.30
C LYS A 231 -19.02 15.40 -17.41
N PHE A 232 -20.06 15.36 -16.58
CA PHE A 232 -20.28 14.26 -15.66
C PHE A 232 -20.33 12.89 -16.31
N THR A 233 -19.33 12.10 -15.96
CA THR A 233 -19.12 10.72 -16.29
C THR A 233 -18.53 10.17 -14.99
N TYR A 234 -19.44 9.77 -14.05
CA TYR A 234 -19.05 9.22 -12.73
C TYR A 234 -17.82 8.34 -12.87
N GLU A 235 -17.72 7.61 -13.98
CA GLU A 235 -16.57 6.74 -14.24
C GLU A 235 -15.37 7.55 -14.72
N GLU A 236 -15.51 8.18 -15.88
CA GLU A 236 -14.45 8.99 -16.47
C GLU A 236 -13.85 9.98 -15.48
N LYS A 238 -14.00 9.74 -12.40
CA LYS A 238 -13.49 8.98 -11.27
C LYS A 238 -12.14 8.32 -11.55
N LYS A 239 -11.80 8.16 -12.83
CA LYS A 239 -10.53 7.52 -13.18
C LYS A 239 -9.40 8.55 -13.24
N ARG A 240 -9.74 9.82 -13.00
CA ARG A 240 -8.75 10.89 -12.98
C ARG A 240 -8.25 11.06 -11.55
N ILE A 241 -8.03 9.95 -10.87
CA ILE A 241 -7.56 9.98 -9.49
C ILE A 241 -6.65 8.78 -9.20
N VAL A 242 -6.83 7.71 -9.96
CA VAL A 242 -6.03 6.50 -9.79
C VAL A 242 -5.60 5.88 -11.12
N GLY A 243 -6.19 6.35 -12.21
CA GLY A 243 -5.84 5.79 -13.51
C GLY A 243 -5.29 6.75 -14.55
N ASN A 244 -6.11 7.72 -14.96
CA ASN A 244 -5.72 8.69 -15.98
C ASN A 244 -5.40 10.08 -15.42
N GLY A 245 -4.20 10.23 -14.86
CA GLY A 245 -3.80 11.50 -14.30
C GLY A 245 -2.30 11.51 -14.04
N GLY A 246 -1.76 12.65 -13.65
CA GLY A 246 -0.34 12.71 -13.39
C GLY A 246 0.51 12.79 -14.64
N LEU A 247 1.72 12.27 -14.57
CA LEU A 247 2.61 12.32 -15.73
C LEU A 247 1.98 11.80 -17.01
N VAL A 248 1.22 10.71 -16.91
CA VAL A 248 0.59 10.13 -18.08
C VAL A 248 -0.37 11.09 -18.78
N ALA A 249 -1.01 11.94 -17.98
CA ALA A 249 -1.96 12.90 -18.49
C ALA A 249 -1.27 14.09 -19.15
N TYR A 250 -0.08 14.44 -18.68
CA TYR A 250 0.65 15.56 -19.25
C TYR A 250 1.55 15.16 -20.41
N LEU A 251 2.34 14.11 -20.19
CA LEU A 251 3.31 13.65 -21.18
C LEU A 251 2.90 12.45 -22.02
N GLY A 252 1.83 11.79 -21.62
CA GLY A 252 1.37 10.63 -22.37
C GLY A 252 2.12 9.35 -22.04
N THR A 253 2.73 9.30 -20.87
CA THR A 253 3.46 8.11 -20.43
C THR A 253 3.67 8.12 -18.92
N SER A 254 3.68 6.94 -18.31
CA SER A 254 3.90 6.85 -16.88
C SER A 254 5.25 6.21 -16.59
N ASP A 255 6.10 6.13 -17.62
CA ASP A 255 7.42 5.55 -17.50
C ASP A 255 8.47 6.63 -17.26
N ALA A 256 9.01 6.67 -16.05
CA ALA A 256 10.01 7.66 -15.68
C ALA A 256 11.23 7.59 -16.58
N ARG A 257 11.66 6.39 -16.93
CA ARG A 257 12.82 6.24 -17.81
C ARG A 257 12.55 6.92 -19.16
N GLU A 258 11.30 6.89 -19.60
CA GLU A 258 10.92 7.50 -20.87
C GLU A 258 10.99 9.02 -20.72
N VAL A 259 10.50 9.51 -19.59
CA VAL A 259 10.49 10.93 -19.31
C VAL A 259 11.90 11.48 -19.15
N VAL A 260 12.79 10.72 -18.52
CA VAL A 260 14.17 11.16 -18.33
C VAL A 260 14.88 11.21 -19.68
N ARG A 261 14.54 10.29 -20.57
CA ARG A 261 15.11 10.27 -21.90
C ARG A 261 14.76 11.57 -22.59
N ARG A 262 13.48 11.95 -22.52
CA ARG A 262 13.02 13.20 -23.14
C ARG A 262 13.73 14.43 -22.58
N ILE A 263 13.94 14.45 -21.26
CA ILE A 263 14.61 15.57 -20.64
C ILE A 263 16.04 15.68 -21.16
N LYS A 264 16.67 14.54 -21.42
CA LYS A 264 18.04 14.56 -21.94
C LYS A 264 18.10 15.06 -23.39
N GLN A 265 16.95 15.09 -24.06
CA GLN A 265 16.86 15.53 -25.45
C GLN A 265 16.47 17.01 -25.54
N GLY A 266 16.33 17.66 -24.40
CA GLY A 266 15.99 19.07 -24.41
C GLY A 266 14.49 19.38 -24.25
N ASP A 267 13.68 18.35 -24.07
CA ASP A 267 12.24 18.55 -23.89
C ASP A 267 12.07 19.40 -22.63
N GLU A 268 11.47 20.58 -22.77
CA GLU A 268 11.29 21.49 -21.63
C GLU A 268 9.98 21.33 -20.87
N TRP A 269 8.91 20.94 -21.55
CA TRP A 269 7.64 20.75 -20.86
C TRP A 269 7.76 19.49 -20.02
N ALA A 270 8.49 18.49 -20.55
CA ALA A 270 8.69 17.25 -19.84
C ALA A 270 9.45 17.48 -18.54
N LYS A 271 10.55 18.22 -18.65
CA LYS A 271 11.38 18.52 -17.50
C LYS A 271 10.63 19.38 -16.48
N ARG A 272 9.76 20.26 -16.96
CA ARG A 272 9.00 21.15 -16.09
C ARG A 272 7.95 20.42 -15.28
N VAL A 273 7.36 19.38 -15.87
CA VAL A 273 6.33 18.60 -15.20
C VAL A 273 6.94 17.56 -14.27
N TYR A 274 8.07 17.00 -14.68
CA TYR A 274 8.76 16.02 -13.87
C TYR A 274 9.25 16.76 -12.62
N ARG A 275 9.89 17.91 -12.82
CA ARG A 275 10.41 18.71 -11.72
C ARG A 275 9.29 19.13 -10.76
N ALA A 276 8.08 19.26 -11.28
CA ALA A 276 6.95 19.66 -10.44
C ALA A 276 6.56 18.49 -9.54
N ALA A 278 8.68 16.19 -8.30
CA ALA A 278 9.68 16.14 -7.24
C ALA A 278 9.35 17.25 -6.25
N TYR A 279 9.04 18.41 -6.79
CA TYR A 279 8.67 19.57 -5.99
C TYR A 279 7.55 19.24 -5.01
N GLN A 280 6.54 18.50 -5.46
CA GLN A 280 5.43 18.15 -4.59
C GLN A 280 5.80 17.14 -3.52
N ILE A 281 6.59 16.14 -3.88
CA ILE A 281 7.02 15.11 -2.95
C ILE A 281 7.78 15.80 -1.82
N ALA A 282 8.63 16.75 -2.18
CA ALA A 282 9.41 17.49 -1.21
C ALA A 282 8.51 18.24 -0.23
N LYS A 283 7.49 18.92 -0.76
CA LYS A 283 6.57 19.67 0.07
C LYS A 283 5.90 18.78 1.10
N TRP A 284 5.42 17.61 0.67
CA TRP A 284 4.78 16.70 1.61
C TRP A 284 5.76 16.18 2.65
N ILE A 285 7.01 15.94 2.25
CA ILE A 285 8.00 15.48 3.19
C ILE A 285 8.17 16.59 4.23
N GLY A 286 7.99 17.82 3.79
CA GLY A 286 8.09 18.95 4.70
C GLY A 286 6.94 18.91 5.68
N LYS A 287 5.75 18.53 5.19
CA LYS A 287 4.58 18.43 6.05
C LYS A 287 4.85 17.43 7.16
N ALA A 289 7.73 16.44 8.26
CA ALA A 289 8.80 16.89 9.15
C ALA A 289 8.19 17.76 10.25
N ALA A 290 7.21 18.57 9.89
CA ALA A 290 6.54 19.42 10.86
C ALA A 290 5.71 18.59 11.83
N VAL A 291 5.30 17.42 11.37
CA VAL A 291 4.51 16.50 12.20
C VAL A 291 5.39 15.92 13.30
N LEU A 292 6.66 15.72 12.96
CA LEU A 292 7.61 15.17 13.91
C LEU A 292 8.33 16.28 14.67
N LYS A 293 7.84 17.51 14.53
CA LYS A 293 8.44 18.66 15.20
C LYS A 293 9.93 18.80 14.87
N GLY A 294 10.32 18.38 13.68
CA GLY A 294 11.71 18.48 13.28
C GLY A 294 12.59 17.34 13.77
N GLU A 295 12.09 16.54 14.72
CA GLU A 295 12.87 15.41 15.26
C GLU A 295 12.84 14.26 14.25
N VAL A 296 13.69 14.35 13.23
CA VAL A 296 13.72 13.32 12.20
C VAL A 296 15.11 12.72 12.12
N ASP A 297 15.20 11.40 12.18
CA ASP A 297 16.50 10.77 12.09
C ASP A 297 16.91 10.66 10.62
N PHE A 298 16.02 10.12 9.79
CA PHE A 298 16.28 9.98 8.36
C PHE A 298 15.04 10.18 7.52
N ILE A 299 15.26 10.63 6.28
CA ILE A 299 14.25 10.78 5.28
C ILE A 299 14.53 9.61 4.33
N VAL A 300 13.56 8.74 4.08
CA VAL A 300 13.80 7.59 3.22
C VAL A 300 12.99 7.58 1.95
N LEU A 301 13.69 7.52 0.83
CA LEU A 301 13.03 7.48 -0.46
C LEU A 301 13.00 6.01 -0.91
N THR A 302 11.80 5.48 -1.11
CA THR A 302 11.66 4.10 -1.55
C THR A 302 10.62 4.00 -2.68
N GLY A 303 10.59 2.85 -3.35
CA GLY A 303 9.64 2.68 -4.44
C GLY A 303 10.34 2.78 -5.78
N GLY A 304 9.60 2.54 -6.86
CA GLY A 304 10.17 2.61 -8.19
C GLY A 304 10.88 3.89 -8.55
N LEU A 305 10.26 5.03 -8.24
CA LEU A 305 10.84 6.32 -8.56
C LEU A 305 12.17 6.56 -7.86
N ALA A 306 12.48 5.77 -6.84
CA ALA A 306 13.74 5.95 -6.11
C ALA A 306 14.90 5.46 -6.97
N HIS A 307 14.58 4.75 -8.05
CA HIS A 307 15.61 4.25 -8.95
C HIS A 307 16.16 5.38 -9.80
N GLU A 308 15.33 6.39 -10.08
CA GLU A 308 15.76 7.51 -10.91
C GLU A 308 16.67 8.48 -10.15
N LYS A 309 17.97 8.21 -10.22
CA LYS A 309 18.98 9.01 -9.52
C LYS A 309 19.61 10.17 -10.29
N GLU A 310 19.16 10.41 -11.52
CA GLU A 310 19.72 11.49 -12.30
C GLU A 310 19.04 12.82 -11.99
N PHE A 311 17.72 12.78 -11.85
CA PHE A 311 16.97 13.98 -11.56
C PHE A 311 16.12 13.98 -10.30
N LEU A 312 15.10 13.12 -10.27
CA LEU A 312 14.19 13.05 -9.15
C LEU A 312 14.89 13.04 -7.79
N VAL A 313 15.60 11.96 -7.49
CA VAL A 313 16.30 11.84 -6.22
C VAL A 313 17.16 13.05 -5.87
N PRO A 314 18.01 13.51 -6.80
CA PRO A 314 18.83 14.68 -6.45
C PRO A 314 18.00 15.95 -6.21
N TRP A 315 16.90 16.10 -6.93
CA TRP A 315 16.05 17.29 -6.74
C TRP A 315 15.41 17.30 -5.35
N ILE A 316 14.89 16.15 -4.93
CA ILE A 316 14.26 16.03 -3.62
C ILE A 316 15.29 16.24 -2.52
N THR A 317 16.45 15.61 -2.69
CA THR A 317 17.52 15.72 -1.70
C THR A 317 17.93 17.16 -1.44
N LYS A 318 18.09 17.95 -2.49
CA LYS A 318 18.48 19.33 -2.31
C LYS A 318 17.45 20.09 -1.47
N ARG A 319 16.17 19.88 -1.74
CA ARG A 319 15.12 20.59 -1.01
C ARG A 319 14.92 20.16 0.43
N VAL A 320 15.15 18.89 0.75
CA VAL A 320 14.86 18.44 2.10
C VAL A 320 15.99 17.97 3.01
N SER A 321 17.23 18.06 2.56
CA SER A 321 18.31 17.58 3.41
C SER A 321 18.52 18.45 4.64
N PHE A 322 17.87 19.61 4.69
CA PHE A 322 18.01 20.47 5.86
C PHE A 322 17.24 19.86 7.03
N ILE A 323 16.35 18.92 6.74
CA ILE A 323 15.55 18.26 7.76
C ILE A 323 16.31 17.09 8.36
N ALA A 324 16.92 16.28 7.50
CA ALA A 324 17.68 15.13 7.95
C ALA A 324 18.31 14.49 6.73
N PRO A 325 19.36 13.69 6.93
CA PRO A 325 20.02 13.05 5.79
C PRO A 325 19.05 12.18 5.01
N VAL A 326 19.30 12.03 3.70
CA VAL A 326 18.43 11.25 2.83
C VAL A 326 19.02 9.88 2.50
N LEU A 327 18.21 8.84 2.64
CA LEU A 327 18.61 7.47 2.35
C LEU A 327 17.73 6.93 1.24
N VAL A 328 18.35 6.29 0.26
CA VAL A 328 17.62 5.72 -0.87
C VAL A 328 17.55 4.20 -0.81
N PHE A 329 16.33 3.65 -0.72
CA PHE A 329 16.06 2.22 -0.67
C PHE A 329 15.09 1.85 -1.81
N PRO A 330 15.58 1.85 -3.06
CA PRO A 330 14.82 1.55 -4.29
C PRO A 330 13.97 0.27 -4.33
N GLY A 331 12.86 0.35 -5.06
CA GLY A 331 11.97 -0.79 -5.23
C GLY A 331 11.11 -1.21 -4.05
N SER A 332 10.85 -2.51 -3.96
CA SER A 332 10.05 -3.10 -2.90
C SER A 332 9.78 -4.57 -3.25
N ASN A 333 9.94 -5.46 -2.28
CA ASN A 333 9.72 -6.90 -2.50
C ASN A 333 8.55 -7.42 -1.65
N GLU A 334 7.34 -7.40 -2.21
CA GLU A 334 6.17 -7.86 -1.47
C GLU A 334 6.21 -9.33 -1.06
N GLU A 335 6.68 -10.20 -1.95
CA GLU A 335 6.77 -11.62 -1.63
C GLU A 335 7.64 -11.85 -0.41
N LYS A 336 8.89 -11.40 -0.48
CA LYS A 336 9.83 -11.56 0.62
C LYS A 336 9.28 -10.94 1.91
N ALA A 337 8.63 -9.79 1.78
CA ALA A 337 8.06 -9.10 2.94
C ALA A 337 6.99 -9.93 3.65
N LEU A 338 6.09 -10.54 2.89
CA LEU A 338 5.04 -11.35 3.49
C LEU A 338 5.57 -12.65 4.12
N ALA A 339 6.46 -13.33 3.42
CA ALA A 339 7.01 -14.58 3.93
C ALA A 339 7.80 -14.40 5.22
N LEU A 340 8.56 -13.32 5.30
CA LEU A 340 9.37 -13.07 6.48
C LEU A 340 8.49 -12.77 7.69
N SER A 341 7.39 -12.09 7.46
CA SER A 341 6.48 -11.76 8.55
C SER A 341 5.85 -13.04 9.11
N ALA A 342 5.67 -14.03 8.25
CA ALA A 342 5.06 -15.29 8.68
C ALA A 342 6.10 -16.16 9.37
N LEU A 343 7.36 -16.00 8.98
CA LEU A 343 8.45 -16.76 9.57
C LEU A 343 8.67 -16.29 10.99
N ARG A 344 8.68 -14.97 11.17
CA ARG A 344 8.87 -14.39 12.49
C ARG A 344 7.81 -14.95 13.44
N VAL A 345 6.58 -15.06 12.95
CA VAL A 345 5.49 -15.57 13.78
C VAL A 345 5.70 -17.04 14.09
N LEU A 346 6.06 -17.80 13.07
CA LEU A 346 6.28 -19.23 13.22
C LEU A 346 7.48 -19.51 14.12
N ARG A 347 8.41 -18.56 14.16
CA ARG A 347 9.62 -18.68 14.98
C ARG A 347 9.38 -18.11 16.39
N GLY A 348 8.20 -17.55 16.60
CA GLY A 348 7.86 -16.99 17.90
C GLY A 348 8.57 -15.70 18.23
N GLU A 349 9.02 -14.98 17.20
CA GLU A 349 9.71 -13.71 17.42
C GLU A 349 8.70 -12.57 17.35
N GLU A 350 7.48 -12.90 16.95
CA GLU A 350 6.41 -11.91 16.84
C GLU A 350 5.05 -12.54 17.13
N LYS A 351 4.19 -11.80 17.81
CA LYS A 351 2.87 -12.29 18.16
C LYS A 351 1.83 -11.93 17.12
N PRO A 352 1.01 -12.92 16.71
CA PRO A 352 -0.05 -12.74 15.71
C PRO A 352 -1.21 -11.98 16.32
N LYS A 353 -1.72 -10.99 15.60
CA LYS A 353 -2.86 -10.22 16.09
C LYS A 353 -4.14 -10.98 15.76
N ASN A 354 -5.22 -10.64 16.45
CA ASN A 354 -6.51 -11.29 16.21
C ASN A 354 -7.34 -10.19 15.59
N TYR A 355 -7.67 -10.35 14.30
CA TYR A 355 -8.42 -9.32 13.60
C TYR A 355 -9.72 -8.95 14.29
N SER A 356 -10.43 -9.95 14.78
CA SER A 356 -11.71 -9.74 15.47
C SER A 356 -11.61 -8.75 16.63
N GLU A 357 -10.81 -9.10 17.63
CA GLU A 357 -10.65 -8.25 18.80
C GLU A 357 -10.03 -6.92 18.37
N GLU A 358 -8.90 -7.01 17.68
CA GLU A 358 -8.16 -5.86 17.20
C GLU A 358 -9.01 -4.82 16.48
N SER A 359 -10.03 -5.30 15.77
CA SER A 359 -10.93 -4.43 15.03
C SER A 359 -11.87 -3.69 15.99
N ARG A 360 -12.27 -4.36 17.07
CA ARG A 360 -13.15 -3.75 18.07
C ARG A 360 -12.38 -2.67 18.82
N ARG A 361 -11.18 -2.99 19.28
CA ARG A 361 -10.35 -2.05 20.01
C ARG A 361 -10.18 -0.77 19.19
N TRP A 362 -10.04 -0.94 17.88
CA TRP A 362 -9.85 0.22 17.00
C TRP A 362 -11.13 1.03 16.85
N ARG A 363 -12.23 0.37 16.55
CA ARG A 363 -13.50 1.08 16.38
C ARG A 363 -13.97 1.76 17.67
N GLU A 364 -13.65 1.16 18.81
CA GLU A 364 -14.02 1.74 20.10
C GLU A 364 -13.34 3.10 20.25
N ARG A 365 -12.02 3.13 19.99
CA ARG A 365 -11.25 4.37 20.08
C ARG A 365 -11.75 5.39 19.06
N TYR A 366 -11.96 4.94 17.83
CA TYR A 366 -12.43 5.82 16.77
C TYR A 366 -13.80 6.39 17.13
N ASP A 367 -14.68 5.53 17.64
CA ASP A 367 -16.02 5.96 18.02
C ASP A 367 -16.04 7.01 19.12
N SER A 368 -15.07 6.95 20.03
CA SER A 368 -15.00 7.94 21.10
C SER A 368 -14.62 9.25 20.43
N TYR A 369 -13.71 9.17 19.46
CA TYR A 369 -13.30 10.34 18.70
C TYR A 369 -14.47 10.95 17.95
N LEU A 370 -15.13 10.08 17.17
CA LEU A 370 -16.28 10.47 16.37
C LEU A 370 -17.43 11.05 17.19
N ASP A 371 -17.31 11.00 18.51
CA ASP A 371 -18.36 11.53 19.38
C ASP A 371 -18.42 13.06 19.34
N GLY A 372 -17.95 13.64 18.25
CA GLY A 372 -17.98 15.08 18.11
C GLY A 372 -19.34 15.50 17.60
N ILE A 373 -20.26 14.54 17.55
CA ILE A 373 -21.62 14.78 17.09
C ILE A 373 -22.42 15.51 18.17
N LEU A 374 -21.77 15.83 19.28
CA LEU A 374 -22.41 16.54 20.38
C LEU A 374 -22.52 18.02 19.99
N ARG A 375 -23.28 18.28 18.92
CA ARG A 375 -23.50 19.63 18.40
C ARG A 375 -22.20 20.25 17.87
#